data_1IRA
#
_entry.id   1IRA
#
_cell.length_a   47.200
_cell.length_b   84.600
_cell.length_c   140.200
_cell.angle_alpha   90.00
_cell.angle_beta   90.00
_cell.angle_gamma   90.00
#
_symmetry.space_group_name_H-M   'P 21 21 21'
#
loop_
_entity.id
_entity.type
_entity.pdbx_description
1 polymer 'INTERLEUKIN-1 RECEPTOR ANTAGONIST'
2 polymer 'INTERLEUKIN-1 RECEPTOR'
3 non-polymer 2-acetamido-2-deoxy-beta-D-glucopyranose
4 water water
#
loop_
_entity_poly.entity_id
_entity_poly.type
_entity_poly.pdbx_seq_one_letter_code
_entity_poly.pdbx_strand_id
1 'polypeptide(L)'
;RPSGRKSSKMQAFRIWDVNQKTFYLRNNQLVAGYLQGPNVNLEEKIDVVPIEPHALFLGIHGGKMCLSCVKSGDETRLQL
EAVNITDLSENRKQDKRFAFIRSDSGPTTSFESAACPGWFLCTAMEADQPVSLTNMPDEGVMVTKFYFQEDE
;
X
2 'polypeptide(L)'
;LEADKCKEREEKIILVSSANEIDVRPCPLNPNEHKGTITWYKDDSKTPVSTEQASRIHQHKEKLWFVPAKVEDSGHYYCV
VRNSSYCLRIKISAKFVENEPNLCYNAQAIFKQKLPVAGDGGLVCPYMEFFKNENNELPKLQWYKDCKPLLLDNIHFSGV
KDRLIVMNVAEKHRGNYTCHASYTYLGKQYPITRVIEFITLEENKPTRPVIVSPANETMEVDLGSQIQLICNVTGQLSDI
AYWKWNGSVIDEDDPVLGEDYYSVENPANKRRSTLITVLNISEIESRFYKHPFTCFAKNTHGIDAAYIQLIYPVTNFQK
;
Y
#
# COMPACT_ATOMS: atom_id res chain seq x y z
N SER A 7 0.35 -0.16 -20.13
CA SER A 7 0.71 -0.73 -21.46
C SER A 7 -0.38 -1.69 -21.94
N SER A 8 -0.41 -2.89 -21.36
CA SER A 8 -1.41 -3.88 -21.72
C SER A 8 -2.57 -3.81 -20.73
N LYS A 9 -2.36 -4.38 -19.55
CA LYS A 9 -3.38 -4.38 -18.52
C LYS A 9 -2.75 -4.05 -17.17
N MET A 10 -3.59 -3.82 -16.17
CA MET A 10 -3.13 -3.49 -14.84
C MET A 10 -3.69 -4.50 -13.84
N GLN A 11 -3.08 -4.55 -12.66
CA GLN A 11 -3.53 -5.46 -11.62
C GLN A 11 -3.48 -4.77 -10.26
N ALA A 12 -4.51 -4.99 -9.46
CA ALA A 12 -4.62 -4.41 -8.13
C ALA A 12 -3.77 -5.14 -7.11
N PHE A 13 -3.06 -4.36 -6.30
CA PHE A 13 -2.18 -4.89 -5.26
C PHE A 13 -2.57 -4.29 -3.92
N ARG A 14 -2.24 -5.00 -2.86
CA ARG A 14 -2.50 -4.52 -1.51
C ARG A 14 -1.13 -4.12 -0.98
N ILE A 15 -1.09 -3.05 -0.21
CA ILE A 15 0.19 -2.59 0.31
C ILE A 15 0.06 -2.09 1.74
N TRP A 16 1.09 -2.35 2.53
CA TRP A 16 1.18 -1.93 3.92
C TRP A 16 2.63 -2.12 4.34
N ASP A 17 3.19 -1.13 5.02
CA ASP A 17 4.58 -1.25 5.43
C ASP A 17 4.78 -2.29 6.52
N VAL A 18 6.03 -2.50 6.92
CA VAL A 18 6.37 -3.46 7.96
C VAL A 18 5.78 -3.10 9.32
N ASN A 19 5.39 -1.85 9.50
CA ASN A 19 4.78 -1.38 10.75
C ASN A 19 3.25 -1.41 10.66
N GLN A 20 2.74 -2.21 9.72
CA GLN A 20 1.30 -2.39 9.52
C GLN A 20 0.45 -1.18 9.09
N LYS A 21 1.09 -0.07 8.74
CA LYS A 21 0.36 1.12 8.30
C LYS A 21 -0.15 0.88 6.87
N THR A 22 -1.34 1.40 6.57
CA THR A 22 -1.92 1.26 5.24
C THR A 22 -2.05 2.64 4.62
N PHE A 23 -2.40 2.69 3.33
CA PHE A 23 -2.53 3.95 2.62
C PHE A 23 -3.98 4.37 2.46
N TYR A 24 -4.23 5.68 2.57
CA TYR A 24 -5.57 6.24 2.38
C TYR A 24 -5.40 7.71 2.06
N LEU A 25 -6.44 8.34 1.52
CA LEU A 25 -6.39 9.74 1.14
C LEU A 25 -6.88 10.74 2.19
N ARG A 26 -6.07 11.76 2.42
CA ARG A 26 -6.41 12.83 3.35
C ARG A 26 -6.20 14.12 2.56
N ASN A 27 -7.30 14.78 2.24
CA ASN A 27 -7.27 16.03 1.48
C ASN A 27 -6.56 15.78 0.15
N ASN A 28 -6.96 14.70 -0.52
CA ASN A 28 -6.39 14.29 -1.80
C ASN A 28 -4.87 14.13 -1.76
N GLN A 29 -4.37 13.72 -0.60
CA GLN A 29 -2.95 13.50 -0.41
C GLN A 29 -2.81 12.13 0.27
N LEU A 30 -2.04 11.26 -0.37
CA LEU A 30 -1.84 9.91 0.13
C LEU A 30 -1.07 9.93 1.46
N VAL A 31 -1.65 9.31 2.47
CA VAL A 31 -1.03 9.25 3.79
C VAL A 31 -1.07 7.82 4.31
N ALA A 32 -0.24 7.52 5.29
CA ALA A 32 -0.18 6.19 5.89
C ALA A 32 -0.61 6.27 7.36
N GLY A 33 -1.46 5.33 7.76
CA GLY A 33 -1.94 5.31 9.13
C GLY A 33 -2.60 3.98 9.46
N TYR A 34 -3.26 3.91 10.62
CA TYR A 34 -3.94 2.68 11.04
C TYR A 34 -5.43 2.88 10.90
N LEU A 35 -6.09 1.97 10.20
CA LEU A 35 -7.53 2.07 9.99
C LEU A 35 -8.27 1.02 10.80
N GLN A 36 -9.36 1.44 11.43
CA GLN A 36 -10.19 0.55 12.23
C GLN A 36 -11.39 0.06 11.45
N GLY A 37 -12.02 -0.99 11.97
CA GLY A 37 -13.19 -1.61 11.36
C GLY A 37 -14.00 -0.78 10.39
N PRO A 38 -14.68 0.28 10.85
CA PRO A 38 -15.49 1.13 9.97
C PRO A 38 -14.73 1.82 8.84
N ASN A 39 -13.54 2.33 9.15
CA ASN A 39 -12.71 3.03 8.17
C ASN A 39 -11.94 2.09 7.23
N VAL A 40 -12.08 0.79 7.42
CA VAL A 40 -11.37 -0.19 6.60
C VAL A 40 -11.62 -0.01 5.10
N ASN A 41 -12.77 0.54 4.75
CA ASN A 41 -13.12 0.75 3.34
C ASN A 41 -12.31 1.87 2.70
N LEU A 42 -11.62 2.67 3.51
CA LEU A 42 -10.82 3.77 3.00
C LEU A 42 -9.42 3.37 2.54
N GLU A 43 -9.11 2.08 2.64
CA GLU A 43 -7.79 1.59 2.24
C GLU A 43 -7.64 1.69 0.72
N GLU A 44 -6.51 2.21 0.29
CA GLU A 44 -6.24 2.34 -1.13
C GLU A 44 -5.40 1.17 -1.62
N LYS A 45 -5.84 0.52 -2.69
CA LYS A 45 -5.08 -0.58 -3.27
C LYS A 45 -4.21 0.05 -4.36
N ILE A 46 -3.09 -0.59 -4.69
CA ILE A 46 -2.19 -0.07 -5.71
C ILE A 46 -2.37 -0.81 -7.03
N ASP A 47 -2.75 -0.07 -8.07
CA ASP A 47 -2.93 -0.64 -9.41
C ASP A 47 -1.58 -0.51 -10.09
N VAL A 48 -1.07 -1.62 -10.62
CA VAL A 48 0.22 -1.59 -11.29
C VAL A 48 0.17 -2.10 -12.72
N VAL A 49 1.05 -1.56 -13.54
CA VAL A 49 1.17 -1.97 -14.93
C VAL A 49 2.64 -2.28 -15.10
N PRO A 50 2.98 -3.55 -15.36
CA PRO A 50 4.38 -3.96 -15.53
C PRO A 50 5.02 -3.49 -16.83
N ILE A 51 6.14 -2.80 -16.71
CA ILE A 51 6.87 -2.30 -17.87
C ILE A 51 7.72 -3.48 -18.31
N GLU A 52 8.66 -3.84 -17.45
CA GLU A 52 9.57 -4.95 -17.67
C GLU A 52 9.63 -5.61 -16.31
N PRO A 53 10.21 -6.82 -16.22
CA PRO A 53 10.27 -7.42 -14.89
C PRO A 53 11.06 -6.52 -13.92
N HIS A 54 10.48 -6.27 -12.75
CA HIS A 54 11.08 -5.43 -11.71
C HIS A 54 10.90 -3.93 -11.95
N ALA A 55 10.15 -3.56 -12.99
CA ALA A 55 9.90 -2.16 -13.32
C ALA A 55 8.40 -2.03 -13.53
N LEU A 56 7.79 -1.03 -12.92
CA LEU A 56 6.35 -0.84 -13.06
C LEU A 56 5.82 0.56 -12.76
N PHE A 57 4.60 0.80 -13.20
CA PHE A 57 3.92 2.08 -12.98
C PHE A 57 2.98 1.86 -11.80
N LEU A 58 2.93 2.82 -10.87
CA LEU A 58 2.07 2.72 -9.70
C LEU A 58 0.96 3.75 -9.75
N GLY A 59 -0.25 3.33 -9.40
CA GLY A 59 -1.38 4.23 -9.39
C GLY A 59 -2.49 3.78 -8.45
N ILE A 60 -3.51 4.61 -8.30
CA ILE A 60 -4.66 4.30 -7.45
C ILE A 60 -5.96 4.65 -8.16
N HIS A 61 -7.08 4.21 -7.60
CA HIS A 61 -8.41 4.46 -8.16
C HIS A 61 -8.54 3.98 -9.61
N GLY A 62 -8.40 2.68 -9.81
CA GLY A 62 -8.51 2.13 -11.16
C GLY A 62 -7.51 2.70 -12.15
N GLY A 63 -6.37 3.17 -11.63
CA GLY A 63 -5.36 3.74 -12.49
C GLY A 63 -5.71 5.10 -13.05
N LYS A 64 -6.63 5.81 -12.38
CA LYS A 64 -7.04 7.14 -12.83
C LYS A 64 -6.01 8.18 -12.40
N MET A 65 -5.33 7.90 -11.28
CA MET A 65 -4.30 8.79 -10.76
C MET A 65 -3.03 8.00 -10.53
N CYS A 66 -1.90 8.53 -10.97
CA CYS A 66 -0.62 7.84 -10.83
C CYS A 66 0.38 8.58 -9.95
N LEU A 67 1.19 7.81 -9.22
CA LEU A 67 2.20 8.35 -8.33
C LEU A 67 3.42 8.74 -9.16
N SER A 68 4.07 9.84 -8.79
CA SER A 68 5.24 10.28 -9.53
C SER A 68 6.21 11.06 -8.65
N CYS A 69 7.44 11.20 -9.11
CA CYS A 69 8.47 11.94 -8.40
C CYS A 69 8.83 13.18 -9.20
N VAL A 70 8.68 14.36 -8.60
CA VAL A 70 9.01 15.61 -9.28
C VAL A 70 9.93 16.41 -8.37
N LYS A 71 10.84 17.17 -8.96
CA LYS A 71 11.78 17.97 -8.19
C LYS A 71 11.62 19.46 -8.49
N SER A 72 11.31 20.24 -7.46
CA SER A 72 11.19 21.68 -7.63
C SER A 72 12.52 22.27 -7.21
N GLY A 73 13.40 22.48 -8.19
CA GLY A 73 14.72 23.01 -7.92
C GLY A 73 15.60 21.92 -7.36
N ASP A 74 15.38 21.57 -6.10
CA ASP A 74 16.13 20.52 -5.42
C ASP A 74 15.19 19.72 -4.52
N GLU A 75 13.97 20.23 -4.34
CA GLU A 75 12.98 19.57 -3.51
C GLU A 75 12.33 18.40 -4.25
N THR A 76 12.78 17.19 -3.93
CA THR A 76 12.25 15.98 -4.54
C THR A 76 11.00 15.61 -3.76
N ARG A 77 9.88 15.45 -4.44
CA ARG A 77 8.63 15.12 -3.78
C ARG A 77 7.78 14.13 -4.55
N LEU A 78 6.94 13.40 -3.83
CA LEU A 78 6.02 12.44 -4.41
C LEU A 78 4.71 13.18 -4.63
N GLN A 79 3.96 12.80 -5.66
CA GLN A 79 2.68 13.45 -5.93
C GLN A 79 1.78 12.61 -6.81
N LEU A 80 0.48 12.80 -6.65
CA LEU A 80 -0.53 12.10 -7.43
C LEU A 80 -0.92 13.00 -8.59
N GLU A 81 -1.03 12.41 -9.77
CA GLU A 81 -1.42 13.16 -10.95
C GLU A 81 -2.58 12.43 -11.60
N ALA A 82 -3.48 13.20 -12.21
CA ALA A 82 -4.65 12.66 -12.88
C ALA A 82 -4.26 12.23 -14.30
N VAL A 83 -3.73 11.02 -14.41
CA VAL A 83 -3.31 10.45 -15.69
C VAL A 83 -3.65 8.96 -15.67
N ASN A 84 -4.28 8.47 -16.73
CA ASN A 84 -4.64 7.06 -16.78
C ASN A 84 -3.36 6.24 -16.95
N ILE A 85 -3.17 5.30 -16.04
CA ILE A 85 -2.00 4.44 -16.02
C ILE A 85 -1.71 3.71 -17.35
N THR A 86 -2.77 3.35 -18.09
CA THR A 86 -2.60 2.65 -19.36
C THR A 86 -2.01 3.52 -20.48
N ASP A 87 -2.26 4.82 -20.42
CA ASP A 87 -1.76 5.75 -21.44
C ASP A 87 -0.27 6.09 -21.25
N LEU A 88 0.35 5.50 -20.23
CA LEU A 88 1.75 5.74 -19.96
C LEU A 88 2.61 4.83 -20.85
N SER A 89 3.71 5.38 -21.35
CA SER A 89 4.61 4.62 -22.21
C SER A 89 6.04 4.75 -21.73
N GLU A 90 6.76 3.64 -21.75
CA GLU A 90 8.15 3.60 -21.33
C GLU A 90 9.05 4.32 -22.31
N ASN A 91 8.53 4.59 -23.50
CA ASN A 91 9.29 5.26 -24.54
C ASN A 91 9.21 6.79 -24.44
N ARG A 92 8.23 7.28 -23.69
CA ARG A 92 8.04 8.72 -23.52
C ARG A 92 8.85 9.16 -22.30
N LYS A 93 9.78 10.08 -22.50
CA LYS A 93 10.64 10.60 -21.45
C LYS A 93 9.91 11.09 -20.19
N GLN A 94 8.90 11.93 -20.38
CA GLN A 94 8.13 12.47 -19.27
C GLN A 94 7.53 11.40 -18.37
N ASP A 95 7.04 10.32 -18.97
CA ASP A 95 6.41 9.23 -18.23
C ASP A 95 7.31 8.47 -17.27
N LYS A 96 8.61 8.70 -17.34
CA LYS A 96 9.55 8.02 -16.45
C LYS A 96 9.27 8.35 -14.99
N ARG A 97 8.73 9.53 -14.74
CA ARG A 97 8.41 9.97 -13.38
C ARG A 97 7.36 9.10 -12.68
N PHE A 98 6.58 8.34 -13.46
CA PHE A 98 5.53 7.47 -12.90
C PHE A 98 6.00 6.03 -12.71
N ALA A 99 7.25 5.75 -13.05
CA ALA A 99 7.80 4.40 -12.95
C ALA A 99 8.69 4.21 -11.73
N PHE A 100 8.62 3.02 -11.16
CA PHE A 100 9.40 2.67 -9.99
C PHE A 100 10.07 1.31 -10.21
N ILE A 101 11.23 1.13 -9.60
CA ILE A 101 11.98 -0.11 -9.71
C ILE A 101 11.70 -0.95 -8.46
N ARG A 102 11.12 -2.13 -8.66
CA ARG A 102 10.80 -3.03 -7.56
C ARG A 102 11.95 -3.91 -7.10
N SER A 103 12.39 -3.70 -5.87
CA SER A 103 13.47 -4.49 -5.27
C SER A 103 12.82 -5.33 -4.16
N ASP A 104 13.19 -6.61 -4.09
CA ASP A 104 12.62 -7.48 -3.07
C ASP A 104 13.63 -8.03 -2.07
N SER A 105 13.34 -7.83 -0.78
CA SER A 105 14.19 -8.30 0.29
C SER A 105 13.41 -9.34 1.07
N GLY A 106 13.50 -10.59 0.64
CA GLY A 106 12.79 -11.67 1.30
C GLY A 106 11.29 -11.50 1.16
N PRO A 107 10.58 -11.27 2.27
CA PRO A 107 9.12 -11.10 2.24
C PRO A 107 8.67 -9.67 1.98
N THR A 108 9.61 -8.72 2.01
CA THR A 108 9.30 -7.32 1.81
C THR A 108 9.75 -6.77 0.45
N THR A 109 9.22 -5.62 0.08
CA THR A 109 9.53 -4.98 -1.18
C THR A 109 9.96 -3.54 -0.92
N SER A 110 10.61 -2.92 -1.89
CA SER A 110 11.06 -1.55 -1.79
C SER A 110 10.94 -0.98 -3.20
N PHE A 111 10.56 0.29 -3.32
CA PHE A 111 10.38 0.93 -4.62
C PHE A 111 11.27 2.14 -4.80
N GLU A 112 12.08 2.13 -5.85
CA GLU A 112 12.97 3.24 -6.15
C GLU A 112 12.41 4.03 -7.32
N SER A 113 12.49 5.35 -7.24
CA SER A 113 12.00 6.19 -8.30
C SER A 113 12.89 6.08 -9.53
N ALA A 114 12.29 5.72 -10.66
CA ALA A 114 13.04 5.59 -11.91
C ALA A 114 13.52 6.96 -12.36
N ALA A 115 12.66 7.97 -12.23
CA ALA A 115 12.99 9.33 -12.63
C ALA A 115 13.91 10.02 -11.62
N CYS A 116 13.84 9.60 -10.36
CA CYS A 116 14.67 10.18 -9.30
C CYS A 116 15.49 9.07 -8.64
N PRO A 117 16.60 8.67 -9.28
CA PRO A 117 17.46 7.61 -8.75
C PRO A 117 17.97 7.93 -7.35
N GLY A 118 17.88 6.95 -6.46
CA GLY A 118 18.34 7.14 -5.09
C GLY A 118 17.20 7.38 -4.12
N TRP A 119 16.06 7.81 -4.65
CA TRP A 119 14.90 8.09 -3.81
C TRP A 119 13.95 6.92 -3.78
N PHE A 120 13.67 6.42 -2.57
CA PHE A 120 12.78 5.30 -2.39
C PHE A 120 11.48 5.73 -1.74
N LEU A 121 10.41 4.98 -2.01
CA LEU A 121 9.10 5.26 -1.45
C LEU A 121 9.20 4.98 0.05
N CYS A 122 8.61 5.82 0.88
CA CYS A 122 8.68 5.62 2.32
C CYS A 122 7.53 6.24 3.10
N THR A 123 7.36 5.75 4.32
CA THR A 123 6.34 6.24 5.23
C THR A 123 7.10 6.69 6.46
N ALA A 124 6.44 7.44 7.33
CA ALA A 124 7.09 7.92 8.55
C ALA A 124 6.80 6.96 9.70
N MET A 125 7.52 7.10 10.79
CA MET A 125 7.31 6.27 11.96
C MET A 125 5.98 6.69 12.59
N GLU A 126 5.75 8.00 12.67
CA GLU A 126 4.53 8.56 13.24
C GLU A 126 3.37 8.29 12.29
N ALA A 127 2.23 7.90 12.85
CA ALA A 127 1.06 7.58 12.03
C ALA A 127 0.40 8.81 11.40
N ASP A 128 -0.46 8.54 10.42
CA ASP A 128 -1.21 9.55 9.70
C ASP A 128 -0.37 10.63 9.02
N GLN A 129 0.80 10.24 8.53
CA GLN A 129 1.67 11.18 7.84
C GLN A 129 1.63 10.87 6.36
N PRO A 130 1.89 11.86 5.51
CA PRO A 130 1.86 11.61 4.06
C PRO A 130 2.99 10.69 3.61
N VAL A 131 2.73 9.90 2.56
CA VAL A 131 3.71 8.99 2.01
C VAL A 131 4.67 9.87 1.20
N SER A 132 5.97 9.71 1.41
CA SER A 132 6.94 10.53 0.69
C SER A 132 8.08 9.71 0.10
N LEU A 133 9.16 10.40 -0.28
CA LEU A 133 10.34 9.77 -0.85
C LEU A 133 11.52 10.10 0.06
N THR A 134 12.38 9.10 0.28
CA THR A 134 13.55 9.33 1.13
C THR A 134 14.84 9.17 0.34
N ASN A 135 15.73 10.13 0.57
CA ASN A 135 17.05 10.18 -0.06
C ASN A 135 18.03 9.29 0.68
N MET A 136 17.65 8.87 1.88
CA MET A 136 18.53 8.06 2.70
C MET A 136 17.86 6.83 3.30
N PRO A 137 17.76 5.75 2.51
CA PRO A 137 17.12 4.52 3.02
C PRO A 137 17.97 3.91 4.15
N ASP A 138 19.26 4.23 4.17
CA ASP A 138 20.19 3.74 5.18
C ASP A 138 19.87 4.29 6.57
N GLU A 139 19.42 5.54 6.62
CA GLU A 139 19.08 6.19 7.88
C GLU A 139 18.13 5.42 8.77
N GLY A 140 17.16 4.74 8.17
CA GLY A 140 16.20 3.96 8.95
C GLY A 140 15.21 4.81 9.73
N VAL A 141 15.26 6.13 9.58
CA VAL A 141 14.34 7.02 10.27
C VAL A 141 12.95 6.95 9.62
N MET A 142 12.94 6.64 8.33
CA MET A 142 11.70 6.49 7.57
C MET A 142 11.59 5.01 7.20
N VAL A 143 10.37 4.52 7.00
CA VAL A 143 10.16 3.11 6.66
C VAL A 143 10.13 2.92 5.14
N THR A 144 11.04 2.10 4.63
CA THR A 144 11.14 1.84 3.20
C THR A 144 10.70 0.44 2.77
N LYS A 145 10.44 -0.43 3.73
CA LYS A 145 10.02 -1.79 3.40
C LYS A 145 8.51 -1.98 3.51
N PHE A 146 7.92 -2.59 2.48
CA PHE A 146 6.49 -2.83 2.43
C PHE A 146 6.18 -4.28 2.08
N TYR A 147 4.92 -4.65 2.19
CA TYR A 147 4.46 -6.00 1.84
C TYR A 147 3.57 -5.80 0.63
N PHE A 148 4.11 -6.05 -0.56
CA PHE A 148 3.36 -5.86 -1.80
C PHE A 148 2.75 -7.17 -2.29
N GLN A 149 1.45 -7.37 -2.06
CA GLN A 149 0.78 -8.59 -2.48
C GLN A 149 -0.40 -8.36 -3.41
N GLU A 150 -0.39 -9.06 -4.53
CA GLU A 150 -1.46 -8.96 -5.52
C GLU A 150 -2.75 -9.56 -4.98
N ASP A 151 -3.86 -8.87 -5.22
CA ASP A 151 -5.17 -9.34 -4.75
C ASP A 151 -5.46 -10.76 -5.21
N ASP B 4 -16.47 32.32 7.15
CA ASP B 4 -15.43 32.57 8.19
C ASP B 4 -14.03 32.62 7.55
N LYS B 5 -13.13 33.36 8.19
CA LYS B 5 -11.76 33.51 7.71
C LYS B 5 -10.93 32.27 8.08
N CYS B 6 -11.50 31.09 7.89
CA CYS B 6 -10.82 29.84 8.19
C CYS B 6 -11.25 28.80 7.18
N LYS B 7 -10.28 28.09 6.63
CA LYS B 7 -10.50 27.06 5.60
C LYS B 7 -11.64 26.07 5.87
N GLU B 8 -11.64 25.47 7.06
CA GLU B 8 -12.67 24.49 7.45
C GLU B 8 -12.53 23.18 6.67
N ARG B 9 -12.43 22.06 7.40
CA ARG B 9 -12.28 20.74 6.79
C ARG B 9 -12.81 19.68 7.75
N GLU B 10 -13.35 18.61 7.20
CA GLU B 10 -13.91 17.52 8.00
C GLU B 10 -13.11 16.23 7.80
N GLU B 11 -12.75 15.58 8.89
CA GLU B 11 -11.99 14.33 8.82
C GLU B 11 -12.89 13.14 8.62
N LYS B 12 -12.55 12.32 7.63
CA LYS B 12 -13.34 11.12 7.33
C LYS B 12 -13.06 10.02 8.34
N ILE B 13 -11.82 9.96 8.83
CA ILE B 13 -11.40 8.95 9.78
C ILE B 13 -11.99 9.15 11.18
N ILE B 14 -12.78 8.19 11.62
CA ILE B 14 -13.39 8.23 12.95
C ILE B 14 -12.69 7.20 13.85
N LEU B 15 -11.90 7.69 14.79
CA LEU B 15 -11.16 6.83 15.70
C LEU B 15 -11.99 6.38 16.90
N VAL B 16 -12.15 5.07 17.06
CA VAL B 16 -12.92 4.49 18.16
C VAL B 16 -11.98 4.09 19.30
N SER B 17 -12.23 4.59 20.51
CA SER B 17 -11.40 4.27 21.67
C SER B 17 -12.21 3.58 22.76
N SER B 18 -11.52 3.03 23.75
CA SER B 18 -12.17 2.33 24.86
C SER B 18 -12.48 3.31 25.99
N ALA B 19 -13.60 3.08 26.66
CA ALA B 19 -14.03 3.92 27.79
C ALA B 19 -13.23 3.54 29.03
N ASN B 20 -13.23 4.42 30.03
CA ASN B 20 -12.51 4.20 31.28
C ASN B 20 -11.00 4.12 31.12
N GLU B 21 -10.49 4.63 30.01
CA GLU B 21 -9.06 4.62 29.75
C GLU B 21 -8.64 6.01 29.29
N ILE B 22 -7.37 6.34 29.44
CA ILE B 22 -6.87 7.63 29.01
C ILE B 22 -6.72 7.60 27.49
N ASP B 23 -6.96 8.73 26.84
CA ASP B 23 -6.86 8.80 25.39
C ASP B 23 -6.40 10.18 24.94
N VAL B 24 -5.75 10.24 23.79
CA VAL B 24 -5.24 11.49 23.24
C VAL B 24 -5.61 11.59 21.76
N ARG B 25 -5.96 12.79 21.33
CA ARG B 25 -6.33 13.04 19.94
C ARG B 25 -5.58 14.27 19.44
N PRO B 26 -4.71 14.08 18.43
CA PRO B 26 -3.95 15.21 17.90
C PRO B 26 -4.76 15.88 16.78
N CYS B 27 -4.37 17.08 16.37
CA CYS B 27 -5.08 17.77 15.30
C CYS B 27 -4.58 17.20 13.96
N PRO B 28 -5.43 16.48 13.23
CA PRO B 28 -5.11 15.86 11.94
C PRO B 28 -4.77 16.83 10.81
N LEU B 29 -3.56 17.38 10.86
CA LEU B 29 -3.11 18.34 9.86
C LEU B 29 -1.83 17.86 9.17
N ASN B 30 -1.74 18.08 7.87
CA ASN B 30 -0.55 17.70 7.10
C ASN B 30 0.59 18.61 7.53
N PRO B 31 1.85 18.21 7.28
CA PRO B 31 3.02 19.01 7.64
C PRO B 31 2.92 20.47 7.19
N ASN B 32 2.34 20.67 6.01
CA ASN B 32 2.16 22.01 5.45
C ASN B 32 1.08 22.84 6.15
N GLU B 33 0.57 22.34 7.27
CA GLU B 33 -0.47 23.04 8.03
C GLU B 33 -0.10 23.08 9.51
N HIS B 34 1.16 23.38 9.81
CA HIS B 34 1.61 23.45 11.18
C HIS B 34 2.33 24.77 11.49
N LYS B 35 1.76 25.87 11.01
CA LYS B 35 2.35 27.18 11.23
C LYS B 35 1.80 27.90 12.45
N GLY B 36 0.51 27.73 12.71
CA GLY B 36 -0.12 28.39 13.83
C GLY B 36 -0.44 27.50 15.00
N THR B 37 -0.80 28.13 16.12
CA THR B 37 -1.14 27.41 17.34
C THR B 37 -2.51 26.74 17.23
N ILE B 38 -2.59 25.52 17.74
CA ILE B 38 -3.82 24.75 17.70
C ILE B 38 -4.65 25.01 18.94
N THR B 39 -5.97 25.10 18.76
CA THR B 39 -6.90 25.34 19.84
C THR B 39 -8.13 24.46 19.63
N TRP B 40 -8.51 23.69 20.64
CA TRP B 40 -9.65 22.80 20.56
C TRP B 40 -10.98 23.40 21.02
N TYR B 41 -12.07 22.92 20.43
CA TYR B 41 -13.43 23.38 20.74
C TYR B 41 -14.32 22.14 20.75
N LYS B 42 -15.42 22.21 21.48
CA LYS B 42 -16.34 21.08 21.57
C LYS B 42 -17.39 21.12 20.46
N ASP B 43 -18.45 20.34 20.62
CA ASP B 43 -19.54 20.25 19.64
C ASP B 43 -19.85 21.50 18.82
N ASP B 44 -19.73 22.67 19.44
CA ASP B 44 -19.99 23.93 18.75
C ASP B 44 -18.66 24.67 18.64
N SER B 45 -18.36 25.20 17.47
CA SER B 45 -17.10 25.89 17.21
C SER B 45 -16.78 27.12 18.06
N LYS B 46 -17.65 27.49 18.98
CA LYS B 46 -17.39 28.65 19.84
C LYS B 46 -16.94 28.33 21.25
N THR B 47 -17.35 27.17 21.77
CA THR B 47 -16.98 26.78 23.12
C THR B 47 -15.64 26.05 23.14
N PRO B 48 -14.59 26.69 23.69
CA PRO B 48 -13.26 26.08 23.76
C PRO B 48 -13.20 25.00 24.83
N VAL B 49 -12.31 24.02 24.63
CA VAL B 49 -12.15 22.93 25.58
C VAL B 49 -11.27 23.43 26.73
N SER B 50 -11.58 22.95 27.93
CA SER B 50 -10.85 23.33 29.14
C SER B 50 -9.34 23.27 28.95
N THR B 51 -8.63 24.18 29.61
CA THR B 51 -7.18 24.25 29.55
C THR B 51 -6.55 23.79 30.87
N GLU B 52 -7.39 23.57 31.87
CA GLU B 52 -6.91 23.14 33.18
C GLU B 52 -6.78 21.62 33.22
N GLN B 53 -5.54 21.15 33.27
CA GLN B 53 -5.23 19.73 33.29
C GLN B 53 -5.98 18.90 34.33
N ALA B 54 -6.57 19.57 35.32
CA ALA B 54 -7.31 18.89 36.38
C ALA B 54 -8.62 18.27 35.90
N SER B 55 -9.21 18.86 34.86
CA SER B 55 -10.48 18.36 34.32
C SER B 55 -10.28 17.21 33.33
N ARG B 56 -11.25 16.31 33.26
CA ARG B 56 -11.21 15.15 32.37
C ARG B 56 -10.81 15.53 30.96
N ILE B 57 -11.77 16.02 30.20
CA ILE B 57 -11.52 16.44 28.84
C ILE B 57 -10.91 17.81 28.92
N HIS B 58 -9.63 17.91 28.58
CA HIS B 58 -8.91 19.17 28.59
C HIS B 58 -7.88 19.10 27.49
N GLN B 59 -7.40 20.26 27.05
CA GLN B 59 -6.40 20.29 26.00
C GLN B 59 -5.03 20.55 26.60
N HIS B 60 -4.03 19.81 26.13
CA HIS B 60 -2.66 19.94 26.61
C HIS B 60 -1.71 19.55 25.50
N LYS B 61 -0.66 20.35 25.31
CA LYS B 61 0.33 20.12 24.26
C LYS B 61 -0.35 20.04 22.89
N GLU B 62 -1.30 20.96 22.67
CA GLU B 62 -2.05 21.04 21.42
C GLU B 62 -2.89 19.82 21.08
N LYS B 63 -3.01 18.88 22.03
CA LYS B 63 -3.80 17.68 21.81
C LYS B 63 -4.96 17.63 22.77
N LEU B 64 -6.01 16.93 22.38
CA LEU B 64 -7.21 16.78 23.19
C LEU B 64 -7.01 15.55 24.09
N TRP B 65 -7.13 15.73 25.40
CA TRP B 65 -6.96 14.63 26.35
C TRP B 65 -8.25 14.23 27.04
N PHE B 66 -8.50 12.93 27.10
CA PHE B 66 -9.68 12.39 27.76
C PHE B 66 -9.14 11.60 28.94
N VAL B 67 -8.99 12.26 30.08
CA VAL B 67 -8.43 11.63 31.27
C VAL B 67 -9.43 11.45 32.41
N PRO B 68 -10.22 10.36 32.41
CA PRO B 68 -10.27 9.28 31.42
C PRO B 68 -11.43 9.51 30.46
N ALA B 69 -11.48 8.70 29.42
CA ALA B 69 -12.52 8.81 28.41
C ALA B 69 -13.78 8.09 28.88
N LYS B 70 -14.94 8.66 28.57
CA LYS B 70 -16.21 8.06 28.93
C LYS B 70 -17.12 8.05 27.71
N VAL B 71 -17.95 7.02 27.61
CA VAL B 71 -18.87 6.84 26.49
C VAL B 71 -19.62 8.11 26.09
N GLU B 72 -20.05 8.89 27.08
CA GLU B 72 -20.79 10.13 26.82
C GLU B 72 -19.96 11.21 26.14
N ASP B 73 -18.70 10.90 25.83
CA ASP B 73 -17.81 11.87 25.18
C ASP B 73 -17.83 11.74 23.66
N SER B 74 -18.46 10.67 23.17
CA SER B 74 -18.54 10.44 21.74
C SER B 74 -19.22 11.61 21.04
N GLY B 75 -18.53 12.19 20.06
CA GLY B 75 -19.08 13.31 19.33
C GLY B 75 -18.06 14.04 18.50
N HIS B 76 -18.40 15.27 18.10
CA HIS B 76 -17.51 16.08 17.28
C HIS B 76 -16.72 17.07 18.11
N TYR B 77 -15.52 17.38 17.63
CA TYR B 77 -14.62 18.32 18.28
C TYR B 77 -13.96 19.09 17.16
N TYR B 78 -13.37 20.24 17.46
CA TYR B 78 -12.72 21.05 16.44
C TYR B 78 -11.37 21.54 16.91
N CYS B 79 -10.39 21.51 16.02
CA CYS B 79 -9.08 22.02 16.34
C CYS B 79 -8.78 23.06 15.28
N VAL B 80 -8.44 24.26 15.74
CA VAL B 80 -8.17 25.36 14.85
C VAL B 80 -6.70 25.73 14.84
N VAL B 81 -6.16 25.92 13.64
CA VAL B 81 -4.78 26.31 13.44
C VAL B 81 -4.87 27.74 12.93
N ARG B 82 -4.55 28.70 13.79
CA ARG B 82 -4.61 30.09 13.40
C ARG B 82 -3.25 30.73 13.38
N ASN B 83 -3.13 31.82 12.62
CA ASN B 83 -1.90 32.58 12.48
C ASN B 83 -2.33 33.97 12.02
N SER B 84 -1.41 34.92 12.11
CA SER B 84 -1.67 36.30 11.72
C SER B 84 -2.39 36.42 10.37
N SER B 85 -2.19 35.45 9.50
CA SER B 85 -2.82 35.46 8.18
C SER B 85 -3.17 34.05 7.71
N TYR B 86 -3.69 33.23 8.62
CA TYR B 86 -4.07 31.86 8.28
C TYR B 86 -4.93 31.26 9.39
N CYS B 87 -5.90 30.45 9.01
CA CYS B 87 -6.79 29.80 9.97
C CYS B 87 -7.48 28.61 9.32
N LEU B 88 -7.38 27.45 9.96
CA LEU B 88 -8.02 26.23 9.46
C LEU B 88 -8.72 25.55 10.63
N ARG B 89 -9.91 25.05 10.39
CA ARG B 89 -10.69 24.40 11.42
C ARG B 89 -11.07 22.98 10.98
N ILE B 90 -10.55 21.98 11.69
CA ILE B 90 -10.85 20.60 11.37
C ILE B 90 -11.91 20.05 12.30
N LYS B 91 -12.91 19.39 11.72
CA LYS B 91 -14.01 18.79 12.45
C LYS B 91 -13.75 17.31 12.55
N ILE B 92 -13.32 16.86 13.73
CA ILE B 92 -13.05 15.44 13.93
C ILE B 92 -14.25 14.75 14.55
N SER B 93 -14.19 13.42 14.62
CA SER B 93 -15.28 12.65 15.20
C SER B 93 -14.67 11.59 16.10
N ALA B 94 -15.02 11.64 17.38
CA ALA B 94 -14.50 10.70 18.37
C ALA B 94 -15.64 9.82 18.86
N LYS B 95 -15.34 8.54 19.06
CA LYS B 95 -16.34 7.58 19.54
C LYS B 95 -15.68 6.74 20.61
N PHE B 96 -16.36 6.59 21.75
CA PHE B 96 -15.84 5.81 22.85
C PHE B 96 -16.78 4.67 23.18
N VAL B 97 -16.26 3.45 23.06
CA VAL B 97 -17.03 2.25 23.32
C VAL B 97 -16.58 1.57 24.61
N GLU B 98 -17.27 0.49 24.97
CA GLU B 98 -16.94 -0.30 26.15
C GLU B 98 -16.76 -1.74 25.71
N ASN B 99 -15.94 -2.48 26.45
CA ASN B 99 -15.68 -3.87 26.14
C ASN B 99 -17.00 -4.64 26.12
N GLU B 100 -17.18 -5.47 25.11
CA GLU B 100 -18.39 -6.26 24.98
C GLU B 100 -18.52 -7.22 26.17
N PRO B 101 -19.74 -7.76 26.39
CA PRO B 101 -20.00 -8.70 27.50
C PRO B 101 -18.96 -9.82 27.66
N ASN B 102 -18.27 -9.79 28.81
CA ASN B 102 -17.26 -10.79 29.15
C ASN B 102 -16.13 -10.89 28.13
N LEU B 103 -15.80 -9.77 27.50
CA LEU B 103 -14.75 -9.73 26.51
C LEU B 103 -13.81 -8.58 26.85
N CYS B 104 -12.52 -8.79 26.69
CA CYS B 104 -11.54 -7.75 27.02
C CYS B 104 -11.39 -6.64 25.98
N TYR B 105 -12.32 -6.60 25.03
CA TYR B 105 -12.29 -5.59 23.96
C TYR B 105 -13.67 -5.45 23.30
N ASN B 106 -13.76 -4.52 22.36
CA ASN B 106 -14.99 -4.30 21.61
C ASN B 106 -14.60 -4.34 20.13
N ALA B 107 -15.34 -5.10 19.34
CA ALA B 107 -15.06 -5.25 17.91
C ALA B 107 -14.87 -3.95 17.13
N GLN B 108 -15.63 -2.92 17.48
CA GLN B 108 -15.57 -1.63 16.79
C GLN B 108 -14.22 -0.93 16.91
N ALA B 109 -13.37 -1.38 17.82
CA ALA B 109 -12.06 -0.76 18.00
C ALA B 109 -10.93 -1.58 17.39
N ILE B 110 -11.29 -2.66 16.70
CA ILE B 110 -10.32 -3.54 16.07
C ILE B 110 -9.54 -2.95 14.90
N PHE B 111 -8.22 -3.07 14.96
CA PHE B 111 -7.34 -2.62 13.90
C PHE B 111 -6.98 -3.94 13.23
N LYS B 112 -7.07 -4.01 11.90
CA LYS B 112 -6.73 -5.23 11.21
C LYS B 112 -5.27 -5.21 10.81
N GLN B 113 -4.55 -6.27 11.17
CA GLN B 113 -3.14 -6.41 10.84
C GLN B 113 -2.90 -7.80 10.30
N LYS B 114 -2.14 -7.86 9.22
CA LYS B 114 -1.87 -9.12 8.55
C LYS B 114 -0.39 -9.34 8.28
N LEU B 115 -0.03 -10.61 8.11
CA LEU B 115 1.34 -11.00 7.83
C LEU B 115 1.33 -12.30 7.05
N PRO B 116 2.27 -12.45 6.11
CA PRO B 116 2.36 -13.68 5.32
C PRO B 116 2.97 -14.77 6.21
N VAL B 117 2.48 -16.00 6.06
CA VAL B 117 2.98 -17.11 6.86
C VAL B 117 4.42 -17.51 6.58
N ALA B 118 4.88 -18.55 7.28
CA ALA B 118 6.23 -19.09 7.15
C ALA B 118 7.35 -18.27 7.75
N GLY B 119 7.33 -16.96 7.56
CA GLY B 119 8.39 -16.13 8.10
C GLY B 119 8.10 -15.47 9.42
N ASP B 120 9.04 -14.65 9.88
CA ASP B 120 8.89 -13.93 11.14
C ASP B 120 8.31 -12.56 10.80
N GLY B 121 7.39 -12.08 11.62
CA GLY B 121 6.79 -10.79 11.36
C GLY B 121 6.49 -10.05 12.65
N GLY B 122 5.85 -8.90 12.54
CA GLY B 122 5.53 -8.14 13.73
C GLY B 122 4.22 -7.37 13.67
N LEU B 123 3.57 -7.29 14.82
CA LEU B 123 2.32 -6.55 14.96
C LEU B 123 2.69 -5.30 15.74
N VAL B 124 2.07 -4.18 15.43
CA VAL B 124 2.39 -2.93 16.12
C VAL B 124 1.19 -2.41 16.92
N CYS B 125 1.42 -2.11 18.18
CA CYS B 125 0.37 -1.56 19.06
C CYS B 125 0.21 -0.11 18.58
N PRO B 126 -0.91 0.20 17.90
CA PRO B 126 -1.23 1.53 17.36
C PRO B 126 -1.32 2.68 18.34
N TYR B 127 -0.96 3.86 17.86
CA TYR B 127 -1.03 5.12 18.58
C TYR B 127 -0.46 5.20 20.00
N MET B 128 0.61 4.47 20.28
CA MET B 128 1.22 4.51 21.61
C MET B 128 2.22 5.66 21.70
N GLU B 129 2.55 6.24 20.54
CA GLU B 129 3.50 7.34 20.45
C GLU B 129 3.23 8.51 21.40
N PHE B 130 1.95 8.78 21.66
CA PHE B 130 1.56 9.89 22.54
C PHE B 130 1.94 9.67 23.99
N PHE B 131 2.07 8.42 24.39
CA PHE B 131 2.37 8.08 25.77
C PHE B 131 3.81 7.81 26.15
N LYS B 132 4.74 8.54 25.56
CA LYS B 132 6.16 8.37 25.86
C LYS B 132 6.58 9.22 27.05
N ASN B 133 7.27 8.60 28.00
CA ASN B 133 7.76 9.29 29.18
C ASN B 133 8.78 10.34 28.76
N GLU B 134 9.05 11.30 29.64
CA GLU B 134 10.00 12.38 29.37
C GLU B 134 11.37 11.92 28.86
N ASN B 135 11.73 10.68 29.13
CA ASN B 135 13.01 10.13 28.68
C ASN B 135 12.88 9.49 27.30
N ASN B 136 11.74 9.71 26.66
CA ASN B 136 11.43 9.18 25.34
C ASN B 136 11.35 7.67 25.23
N GLU B 137 10.61 7.06 26.15
CA GLU B 137 10.44 5.61 26.16
C GLU B 137 8.95 5.31 26.19
N LEU B 138 8.53 4.31 25.42
CA LEU B 138 7.11 3.92 25.41
C LEU B 138 6.93 3.01 26.62
N PRO B 139 5.75 3.07 27.25
CA PRO B 139 5.50 2.23 28.42
C PRO B 139 5.56 0.73 28.11
N LYS B 140 5.96 -0.05 29.12
CA LYS B 140 6.07 -1.50 29.00
C LYS B 140 4.71 -2.12 28.69
N LEU B 141 4.59 -2.68 27.49
CA LEU B 141 3.35 -3.30 27.05
C LEU B 141 3.29 -4.79 27.37
N GLN B 142 2.10 -5.26 27.71
CA GLN B 142 1.89 -6.67 28.01
C GLN B 142 0.84 -7.12 27.00
N TRP B 143 1.18 -8.13 26.22
CA TRP B 143 0.30 -8.64 25.18
C TRP B 143 -0.56 -9.81 25.64
N TYR B 144 -1.72 -9.94 25.03
CA TYR B 144 -2.67 -10.99 25.32
C TYR B 144 -3.23 -11.45 23.99
N LYS B 145 -3.71 -12.68 23.94
CA LYS B 145 -4.30 -13.22 22.72
C LYS B 145 -5.66 -13.77 23.12
N ASP B 146 -6.71 -13.15 22.58
CA ASP B 146 -8.08 -13.55 22.87
C ASP B 146 -8.39 -13.48 24.36
N CYS B 147 -7.91 -12.41 24.99
CA CYS B 147 -8.11 -12.15 26.41
C CYS B 147 -7.33 -13.02 27.41
N LYS B 148 -6.47 -13.89 26.90
CA LYS B 148 -5.66 -14.75 27.75
C LYS B 148 -4.21 -14.29 27.61
N PRO B 149 -3.45 -14.26 28.72
CA PRO B 149 -2.05 -13.84 28.71
C PRO B 149 -1.18 -14.54 27.67
N LEU B 150 -0.19 -13.81 27.15
CA LEU B 150 0.71 -14.31 26.13
C LEU B 150 2.14 -14.37 26.67
N LEU B 151 2.77 -15.53 26.54
CA LEU B 151 4.13 -15.72 27.02
C LEU B 151 5.17 -15.22 26.02
N LEU B 152 5.79 -14.09 26.34
CA LEU B 152 6.81 -13.51 25.48
C LEU B 152 8.15 -14.08 25.89
N ASP B 153 8.39 -15.34 25.50
CA ASP B 153 9.61 -16.05 25.83
C ASP B 153 10.83 -15.79 24.93
N ASN B 154 10.73 -14.84 24.02
CA ASN B 154 11.83 -14.52 23.09
C ASN B 154 12.20 -15.67 22.17
N ILE B 155 11.31 -16.66 22.08
CA ILE B 155 11.52 -17.83 21.25
C ILE B 155 10.36 -17.95 20.26
N HIS B 156 9.14 -17.75 20.77
CA HIS B 156 7.93 -17.83 19.95
C HIS B 156 7.33 -16.43 19.77
N PHE B 157 7.49 -15.59 20.78
CA PHE B 157 6.98 -14.22 20.76
C PHE B 157 7.99 -13.33 21.49
N SER B 158 8.21 -12.14 20.96
CA SER B 158 9.14 -11.19 21.56
C SER B 158 8.51 -9.82 21.59
N GLY B 159 8.44 -9.22 22.77
CA GLY B 159 7.87 -7.90 22.90
C GLY B 159 9.01 -6.90 22.83
N VAL B 160 9.09 -6.15 21.74
CA VAL B 160 10.13 -5.15 21.57
C VAL B 160 9.43 -3.81 21.37
N LYS B 161 9.69 -2.87 22.27
CA LYS B 161 9.09 -1.54 22.22
C LYS B 161 7.57 -1.61 22.05
N ASP B 162 7.04 -1.13 20.92
CA ASP B 162 5.60 -1.15 20.70
C ASP B 162 5.14 -2.24 19.73
N ARG B 163 5.95 -3.27 19.53
CA ARG B 163 5.60 -4.34 18.61
C ARG B 163 5.82 -5.73 19.17
N LEU B 164 5.02 -6.67 18.65
CA LEU B 164 5.08 -8.07 19.05
C LEU B 164 5.66 -8.87 17.89
N ILE B 165 6.90 -9.30 18.04
CA ILE B 165 7.57 -10.08 17.00
C ILE B 165 7.10 -11.53 17.11
N VAL B 166 6.52 -12.06 16.04
CA VAL B 166 6.03 -13.44 16.02
C VAL B 166 6.96 -14.29 15.17
N MET B 167 7.53 -15.32 15.77
CA MET B 167 8.44 -16.23 15.07
C MET B 167 7.65 -17.30 14.32
N ASN B 168 7.95 -17.46 13.03
CA ASN B 168 7.31 -18.46 12.17
C ASN B 168 5.79 -18.37 12.19
N VAL B 169 5.28 -17.40 11.45
CA VAL B 169 3.85 -17.16 11.37
C VAL B 169 3.14 -18.39 10.80
N ALA B 170 2.03 -18.76 11.42
CA ALA B 170 1.24 -19.91 11.00
C ALA B 170 -0.20 -19.61 11.33
N GLU B 171 -1.12 -20.41 10.80
CA GLU B 171 -2.55 -20.23 11.03
C GLU B 171 -2.90 -20.18 12.51
N LYS B 172 -2.21 -20.99 13.32
CA LYS B 172 -2.47 -21.04 14.76
C LYS B 172 -2.24 -19.75 15.53
N HIS B 173 -1.72 -18.71 14.86
CA HIS B 173 -1.46 -17.43 15.49
C HIS B 173 -2.63 -16.46 15.31
N ARG B 174 -3.62 -16.86 14.53
CA ARG B 174 -4.78 -16.00 14.28
C ARG B 174 -5.59 -15.80 15.55
N GLY B 175 -6.02 -14.57 15.77
CA GLY B 175 -6.80 -14.24 16.95
C GLY B 175 -6.77 -12.74 17.20
N ASN B 176 -7.53 -12.28 18.19
CA ASN B 176 -7.55 -10.87 18.51
C ASN B 176 -6.60 -10.60 19.67
N TYR B 177 -5.49 -9.93 19.40
CA TYR B 177 -4.52 -9.60 20.43
C TYR B 177 -4.80 -8.24 21.02
N THR B 178 -4.43 -8.05 22.28
CA THR B 178 -4.64 -6.78 22.96
C THR B 178 -3.37 -6.36 23.67
N CYS B 179 -2.90 -5.17 23.36
CA CYS B 179 -1.71 -4.67 24.01
C CYS B 179 -2.15 -3.74 25.13
N HIS B 180 -1.61 -3.97 26.31
CA HIS B 180 -1.97 -3.19 27.49
C HIS B 180 -0.79 -2.38 27.97
N ALA B 181 -1.07 -1.21 28.53
CA ALA B 181 -0.04 -0.33 29.07
C ALA B 181 -0.65 0.52 30.18
N SER B 182 0.21 1.15 30.96
CA SER B 182 -0.25 2.01 32.04
C SER B 182 0.53 3.32 32.00
N TYR B 183 -0.19 4.41 31.77
CA TYR B 183 0.42 5.72 31.69
C TYR B 183 0.13 6.51 32.96
N THR B 184 1.17 7.12 33.52
CA THR B 184 1.04 7.91 34.73
C THR B 184 0.80 9.37 34.36
N TYR B 185 -0.43 9.84 34.53
CA TYR B 185 -0.75 11.21 34.20
C TYR B 185 -1.08 12.02 35.46
N LEU B 186 -0.23 13.01 35.75
CA LEU B 186 -0.39 13.88 36.92
C LEU B 186 -0.55 13.09 38.21
N GLY B 187 0.39 12.18 38.48
CA GLY B 187 0.33 11.39 39.69
C GLY B 187 -0.52 10.13 39.53
N LYS B 188 -1.73 10.29 39.02
CA LYS B 188 -2.63 9.15 38.83
C LYS B 188 -2.11 8.23 37.71
N GLN B 189 -2.63 7.02 37.66
CA GLN B 189 -2.22 6.03 36.65
C GLN B 189 -3.45 5.52 35.92
N TYR B 190 -3.40 5.56 34.59
CA TYR B 190 -4.52 5.11 33.75
C TYR B 190 -4.07 4.02 32.78
N PRO B 191 -4.99 3.08 32.45
CA PRO B 191 -4.72 1.98 31.53
C PRO B 191 -4.89 2.37 30.07
N ILE B 192 -4.22 1.62 29.19
CA ILE B 192 -4.29 1.84 27.75
C ILE B 192 -4.37 0.48 27.08
N THR B 193 -5.25 0.33 26.11
CA THR B 193 -5.38 -0.93 25.37
C THR B 193 -5.77 -0.67 23.92
N ARG B 194 -5.28 -1.53 23.03
CA ARG B 194 -5.58 -1.46 21.60
C ARG B 194 -5.84 -2.90 21.21
N VAL B 195 -6.93 -3.13 20.49
CA VAL B 195 -7.25 -4.49 20.04
C VAL B 195 -6.82 -4.63 18.58
N ILE B 196 -6.05 -5.67 18.31
CA ILE B 196 -5.53 -5.95 16.97
C ILE B 196 -5.97 -7.32 16.50
N GLU B 197 -6.61 -7.38 15.33
CA GLU B 197 -7.03 -8.66 14.77
C GLU B 197 -5.93 -9.14 13.83
N PHE B 198 -5.27 -10.23 14.20
CA PHE B 198 -4.19 -10.77 13.41
C PHE B 198 -4.72 -11.76 12.38
N ILE B 199 -4.43 -11.49 11.11
CA ILE B 199 -4.86 -12.35 10.01
C ILE B 199 -3.61 -12.88 9.28
N THR B 200 -3.59 -14.18 9.03
CA THR B 200 -2.48 -14.81 8.35
C THR B 200 -2.75 -14.96 6.85
N LEU B 201 -1.81 -14.51 6.04
CA LEU B 201 -1.92 -14.59 4.59
C LEU B 201 -1.10 -15.76 4.05
N GLU B 202 -1.71 -16.57 3.21
CA GLU B 202 -1.01 -17.71 2.62
C GLU B 202 -0.09 -17.14 1.54
N GLU B 203 1.21 -17.43 1.64
CA GLU B 203 2.17 -16.94 0.66
C GLU B 203 1.85 -17.50 -0.73
N ASN B 204 1.29 -16.64 -1.57
CA ASN B 204 0.93 -17.04 -2.92
C ASN B 204 2.14 -16.96 -3.85
N LYS B 205 2.25 -17.93 -4.75
CA LYS B 205 3.35 -18.00 -5.70
C LYS B 205 3.35 -16.90 -6.77
N PRO B 206 4.53 -16.32 -7.04
CA PRO B 206 4.69 -15.26 -8.04
C PRO B 206 4.75 -15.83 -9.47
N THR B 207 3.64 -16.40 -9.92
CA THR B 207 3.54 -16.99 -11.25
C THR B 207 4.09 -16.13 -12.39
N ARG B 208 4.87 -16.76 -13.26
CA ARG B 208 5.48 -16.12 -14.42
C ARG B 208 4.80 -16.70 -15.66
N PRO B 209 4.63 -15.89 -16.73
CA PRO B 209 3.98 -16.35 -17.97
C PRO B 209 4.69 -17.51 -18.65
N VAL B 210 3.92 -18.53 -19.01
CA VAL B 210 4.44 -19.73 -19.67
C VAL B 210 3.93 -19.87 -21.09
N ILE B 211 4.85 -19.90 -22.05
CA ILE B 211 4.50 -20.07 -23.45
C ILE B 211 4.44 -21.56 -23.76
N VAL B 212 3.24 -22.05 -24.04
CA VAL B 212 3.07 -23.46 -24.33
C VAL B 212 3.17 -23.72 -25.84
N SER B 213 3.15 -22.65 -26.62
CA SER B 213 3.25 -22.72 -28.08
C SER B 213 3.52 -21.30 -28.61
N PRO B 214 4.50 -21.15 -29.52
CA PRO B 214 5.37 -22.17 -30.11
C PRO B 214 6.37 -22.75 -29.10
N ALA B 215 7.20 -23.67 -29.57
CA ALA B 215 8.19 -24.29 -28.70
C ALA B 215 9.54 -24.41 -29.38
N ASN B 216 10.04 -23.29 -29.91
CA ASN B 216 11.33 -23.28 -30.59
C ASN B 216 11.39 -24.36 -31.68
N GLU B 217 10.48 -24.23 -32.64
CA GLU B 217 10.37 -25.19 -33.73
C GLU B 217 10.53 -24.53 -35.10
N THR B 218 10.47 -25.33 -36.15
CA THR B 218 10.60 -24.83 -37.52
C THR B 218 9.29 -25.17 -38.23
N MET B 219 9.02 -24.45 -39.32
CA MET B 219 7.80 -24.68 -40.07
C MET B 219 8.06 -24.53 -41.56
N GLU B 220 7.75 -25.58 -42.31
CA GLU B 220 7.95 -25.57 -43.76
C GLU B 220 6.83 -24.74 -44.38
N VAL B 221 7.20 -23.60 -44.97
CA VAL B 221 6.23 -22.73 -45.61
C VAL B 221 6.71 -22.38 -47.01
N ASP B 222 5.77 -22.28 -47.95
CA ASP B 222 6.10 -21.95 -49.32
C ASP B 222 6.12 -20.44 -49.51
N LEU B 223 6.84 -19.99 -50.53
CA LEU B 223 6.95 -18.57 -50.81
C LEU B 223 5.65 -18.07 -51.44
N GLY B 224 5.20 -16.89 -51.02
CA GLY B 224 3.99 -16.33 -51.57
C GLY B 224 2.68 -16.82 -50.96
N SER B 225 2.77 -17.61 -49.89
CA SER B 225 1.58 -18.12 -49.23
C SER B 225 1.22 -17.26 -48.03
N GLN B 226 0.14 -17.61 -47.33
CA GLN B 226 -0.30 -16.87 -46.16
C GLN B 226 -0.44 -17.81 -44.97
N ILE B 227 0.10 -17.42 -43.82
CA ILE B 227 0.03 -18.26 -42.63
C ILE B 227 -0.28 -17.47 -41.36
N GLN B 228 -0.67 -18.18 -40.31
CA GLN B 228 -0.98 -17.58 -39.03
C GLN B 228 -0.13 -18.25 -37.97
N LEU B 229 0.69 -17.45 -37.28
CA LEU B 229 1.53 -17.97 -36.21
C LEU B 229 0.83 -17.63 -34.90
N ILE B 230 0.39 -18.65 -34.20
CA ILE B 230 -0.31 -18.47 -32.93
C ILE B 230 0.56 -18.68 -31.70
N CYS B 231 0.52 -17.72 -30.79
CA CYS B 231 1.27 -17.82 -29.54
C CYS B 231 0.25 -18.09 -28.43
N ASN B 232 0.45 -19.19 -27.72
CA ASN B 232 -0.44 -19.61 -26.64
C ASN B 232 0.29 -19.51 -25.30
N VAL B 233 -0.09 -18.51 -24.50
CA VAL B 233 0.54 -18.28 -23.20
C VAL B 233 -0.41 -18.56 -22.05
N THR B 234 0.13 -19.12 -20.96
CA THR B 234 -0.64 -19.43 -19.76
C THR B 234 -0.19 -18.46 -18.66
N GLY B 235 -1.15 -17.77 -18.06
CA GLY B 235 -0.82 -16.82 -17.00
C GLY B 235 -1.98 -15.89 -16.69
N GLN B 236 -1.68 -14.82 -15.97
CA GLN B 236 -2.69 -13.83 -15.60
C GLN B 236 -3.10 -13.08 -16.86
N LEU B 237 -4.37 -12.70 -16.94
CA LEU B 237 -4.88 -11.95 -18.08
C LEU B 237 -4.13 -10.62 -18.23
N SER B 238 -3.48 -10.20 -17.14
CA SER B 238 -2.73 -8.96 -17.12
C SER B 238 -1.31 -9.10 -17.69
N ASP B 239 -0.96 -10.30 -18.13
CA ASP B 239 0.37 -10.55 -18.68
C ASP B 239 0.53 -10.03 -20.10
N ILE B 240 1.75 -9.61 -20.43
CA ILE B 240 2.09 -9.07 -21.74
C ILE B 240 2.62 -10.14 -22.68
N ALA B 241 1.89 -10.43 -23.75
CA ALA B 241 2.30 -11.42 -24.74
C ALA B 241 2.34 -10.68 -26.08
N TYR B 242 3.44 -10.82 -26.81
CA TYR B 242 3.58 -10.14 -28.09
C TYR B 242 4.65 -10.77 -29.00
N TRP B 243 4.54 -10.53 -30.30
CA TRP B 243 5.49 -11.07 -31.28
C TRP B 243 6.61 -10.09 -31.59
N LYS B 244 7.73 -10.64 -32.04
CA LYS B 244 8.91 -9.86 -32.41
C LYS B 244 9.65 -10.59 -33.52
N TRP B 245 10.08 -9.84 -34.53
CA TRP B 245 10.83 -10.41 -35.65
C TRP B 245 12.09 -9.58 -35.82
N ASN B 246 13.25 -10.25 -35.79
CA ASN B 246 14.54 -9.58 -35.93
C ASN B 246 14.67 -8.48 -34.87
N GLY B 247 14.37 -8.85 -33.63
CA GLY B 247 14.46 -7.91 -32.52
C GLY B 247 13.61 -6.66 -32.65
N SER B 248 12.61 -6.69 -33.52
CA SER B 248 11.74 -5.55 -33.74
C SER B 248 10.29 -5.98 -33.52
N VAL B 249 9.43 -5.04 -33.18
CA VAL B 249 8.02 -5.33 -32.95
C VAL B 249 7.20 -5.06 -34.22
N ILE B 250 6.11 -5.79 -34.37
CA ILE B 250 5.24 -5.65 -35.54
C ILE B 250 4.47 -4.33 -35.48
N ASP B 251 4.72 -3.46 -36.46
CA ASP B 251 4.04 -2.16 -36.51
C ASP B 251 2.80 -2.19 -37.40
N GLU B 252 1.80 -1.40 -37.02
CA GLU B 252 0.54 -1.31 -37.76
C GLU B 252 0.75 -0.88 -39.21
N ASP B 253 1.81 -0.12 -39.47
CA ASP B 253 2.11 0.36 -40.80
C ASP B 253 2.66 -0.74 -41.71
N ASP B 254 2.66 -1.99 -41.24
CA ASP B 254 3.17 -3.10 -42.01
C ASP B 254 2.04 -3.68 -42.86
N PRO B 255 2.09 -3.49 -44.19
CA PRO B 255 1.06 -4.00 -45.12
C PRO B 255 1.05 -5.52 -45.28
N VAL B 256 1.92 -6.22 -44.57
CA VAL B 256 1.98 -7.67 -44.67
C VAL B 256 1.95 -8.39 -43.32
N LEU B 257 2.26 -7.66 -42.24
CA LEU B 257 2.26 -8.24 -40.90
C LEU B 257 1.31 -7.57 -39.93
N GLY B 258 0.24 -8.28 -39.57
CA GLY B 258 -0.72 -7.74 -38.63
C GLY B 258 -1.00 -8.74 -37.52
N GLU B 259 -0.93 -8.29 -36.27
CA GLU B 259 -1.19 -9.18 -35.14
C GLU B 259 -2.45 -8.82 -34.36
N ASP B 260 -3.03 -9.80 -33.69
CA ASP B 260 -4.23 -9.62 -32.90
C ASP B 260 -4.06 -10.26 -31.53
N TYR B 261 -4.77 -9.74 -30.53
CA TYR B 261 -4.67 -10.27 -29.17
C TYR B 261 -6.04 -10.64 -28.63
N TYR B 262 -6.13 -11.80 -27.99
CA TYR B 262 -7.38 -12.25 -27.38
C TYR B 262 -7.07 -13.26 -26.28
N SER B 263 -7.68 -13.03 -25.11
CA SER B 263 -7.46 -13.88 -23.96
C SER B 263 -8.75 -14.55 -23.47
N VAL B 264 -8.59 -15.69 -22.80
CA VAL B 264 -9.72 -16.43 -22.27
C VAL B 264 -9.47 -16.72 -20.78
N GLU B 265 -10.37 -16.23 -19.93
CA GLU B 265 -10.23 -16.42 -18.50
C GLU B 265 -10.54 -17.86 -18.08
N ASN B 266 -9.69 -18.40 -17.20
CA ASN B 266 -9.86 -19.76 -16.70
C ASN B 266 -10.87 -19.72 -15.55
N PRO B 267 -12.05 -20.32 -15.73
CA PRO B 267 -13.12 -20.36 -14.73
C PRO B 267 -12.78 -21.09 -13.43
N ALA B 268 -11.65 -21.79 -13.41
CA ALA B 268 -11.22 -22.51 -12.22
C ALA B 268 -10.06 -21.80 -11.55
N ASN B 269 -9.15 -21.23 -12.34
CA ASN B 269 -8.01 -20.53 -11.79
C ASN B 269 -7.58 -19.36 -12.67
N LYS B 270 -7.92 -18.16 -12.25
CA LYS B 270 -7.59 -16.94 -13.00
C LYS B 270 -6.09 -16.77 -13.20
N ARG B 271 -5.28 -17.40 -12.34
CA ARG B 271 -3.83 -17.30 -12.43
C ARG B 271 -3.29 -18.09 -13.63
N ARG B 272 -4.09 -19.02 -14.12
CA ARG B 272 -3.69 -19.83 -15.27
C ARG B 272 -4.68 -19.73 -16.41
N SER B 273 -4.80 -18.53 -16.96
CA SER B 273 -5.70 -18.28 -18.08
C SER B 273 -4.85 -18.31 -19.35
N THR B 274 -5.49 -18.33 -20.51
CA THR B 274 -4.77 -18.34 -21.77
C THR B 274 -4.80 -16.98 -22.46
N LEU B 275 -3.65 -16.56 -22.97
CA LEU B 275 -3.53 -15.29 -23.67
C LEU B 275 -3.02 -15.68 -25.06
N ILE B 276 -3.77 -15.34 -26.09
CA ILE B 276 -3.39 -15.67 -27.45
C ILE B 276 -3.02 -14.45 -28.28
N THR B 277 -1.92 -14.57 -29.01
CA THR B 277 -1.44 -13.51 -29.88
C THR B 277 -1.17 -14.15 -31.24
N VAL B 278 -2.05 -13.86 -32.19
CA VAL B 278 -1.91 -14.42 -33.54
C VAL B 278 -1.24 -13.42 -34.47
N LEU B 279 -0.23 -13.89 -35.19
CA LEU B 279 0.48 -13.07 -36.16
C LEU B 279 0.00 -13.52 -37.53
N ASN B 280 -0.68 -12.61 -38.23
CA ASN B 280 -1.20 -12.91 -39.56
C ASN B 280 -0.24 -12.40 -40.61
N ILE B 281 0.40 -13.32 -41.32
CA ILE B 281 1.33 -12.95 -42.37
C ILE B 281 0.55 -13.01 -43.69
N SER B 282 0.18 -11.84 -44.20
CA SER B 282 -0.58 -11.73 -45.44
C SER B 282 0.06 -12.52 -46.58
N GLU B 283 1.38 -12.45 -46.68
CA GLU B 283 2.11 -13.15 -47.73
C GLU B 283 3.57 -13.35 -47.34
N ILE B 284 4.05 -14.57 -47.53
CA ILE B 284 5.43 -14.94 -47.20
C ILE B 284 6.43 -14.30 -48.15
N GLU B 285 7.31 -13.48 -47.59
CA GLU B 285 8.35 -12.80 -48.35
C GLU B 285 9.70 -13.45 -48.04
N SER B 286 10.68 -13.28 -48.92
CA SER B 286 12.01 -13.86 -48.74
C SER B 286 12.66 -13.57 -47.39
N ARG B 287 12.53 -12.33 -46.93
CA ARG B 287 13.11 -11.88 -45.66
C ARG B 287 12.68 -12.71 -44.44
N PHE B 288 11.45 -13.22 -44.47
CA PHE B 288 10.91 -14.00 -43.37
C PHE B 288 11.64 -15.30 -43.04
N TYR B 289 12.36 -15.85 -44.01
CA TYR B 289 13.11 -17.09 -43.79
C TYR B 289 14.47 -16.77 -43.17
N LYS B 290 14.85 -15.50 -43.19
CA LYS B 290 16.14 -15.06 -42.66
C LYS B 290 16.24 -14.99 -41.14
N HIS B 291 15.12 -14.85 -40.45
CA HIS B 291 15.12 -14.77 -38.99
C HIS B 291 13.83 -15.36 -38.43
N PRO B 292 13.90 -15.97 -37.23
CA PRO B 292 12.72 -16.57 -36.59
C PRO B 292 11.80 -15.57 -35.93
N PHE B 293 10.52 -15.94 -35.83
CA PHE B 293 9.52 -15.11 -35.19
C PHE B 293 9.50 -15.50 -33.72
N THR B 294 9.76 -14.55 -32.84
CA THR B 294 9.81 -14.79 -31.41
C THR B 294 8.59 -14.23 -30.68
N CYS B 295 8.04 -15.01 -29.77
CA CYS B 295 6.91 -14.58 -28.96
C CYS B 295 7.43 -14.33 -27.56
N PHE B 296 7.14 -13.16 -27.02
CA PHE B 296 7.55 -12.79 -25.67
C PHE B 296 6.35 -12.62 -24.76
N ALA B 297 6.50 -13.12 -23.54
CA ALA B 297 5.46 -13.02 -22.52
C ALA B 297 6.18 -12.53 -21.28
N LYS B 298 5.62 -11.55 -20.58
CA LYS B 298 6.28 -11.02 -19.39
C LYS B 298 5.38 -10.32 -18.39
N ASN B 299 5.95 -10.03 -17.23
CA ASN B 299 5.29 -9.32 -16.14
C ASN B 299 6.37 -8.89 -15.16
N THR B 300 5.97 -8.45 -13.96
CA THR B 300 6.92 -7.99 -12.95
C THR B 300 7.98 -9.03 -12.56
N HIS B 301 7.59 -10.31 -12.58
CA HIS B 301 8.49 -11.39 -12.20
C HIS B 301 9.58 -11.72 -13.21
N GLY B 302 9.19 -12.10 -14.42
CA GLY B 302 10.17 -12.44 -15.43
C GLY B 302 9.58 -12.54 -16.82
N ILE B 303 10.43 -12.80 -17.81
CA ILE B 303 9.98 -12.93 -19.19
C ILE B 303 10.12 -14.37 -19.67
N ASP B 304 9.50 -14.68 -20.80
CA ASP B 304 9.57 -16.01 -21.39
C ASP B 304 9.59 -15.86 -22.90
N ALA B 305 10.41 -16.66 -23.57
CA ALA B 305 10.53 -16.58 -25.02
C ALA B 305 10.49 -17.94 -25.72
N ALA B 306 9.92 -17.94 -26.92
CA ALA B 306 9.79 -19.14 -27.74
C ALA B 306 9.69 -18.63 -29.17
N TYR B 307 10.14 -19.41 -30.14
CA TYR B 307 10.08 -18.95 -31.52
C TYR B 307 9.64 -19.99 -32.54
N ILE B 308 9.55 -19.53 -33.79
CA ILE B 308 9.20 -20.36 -34.94
C ILE B 308 10.13 -19.92 -36.06
N GLN B 309 10.91 -20.87 -36.58
CA GLN B 309 11.83 -20.58 -37.67
C GLN B 309 11.24 -21.14 -38.96
N LEU B 310 10.83 -20.25 -39.86
CA LEU B 310 10.26 -20.64 -41.14
C LEU B 310 11.35 -21.20 -42.04
N ILE B 311 11.02 -22.25 -42.79
CA ILE B 311 11.95 -22.89 -43.70
C ILE B 311 11.21 -23.28 -44.98
N TYR B 312 11.94 -23.40 -46.08
CA TYR B 312 11.36 -23.79 -47.35
C TYR B 312 11.09 -25.28 -47.31
N PRO B 313 9.99 -25.72 -47.92
CA PRO B 313 9.68 -27.15 -47.93
C PRO B 313 10.72 -27.89 -48.79
N VAL B 314 11.10 -29.09 -48.37
CA VAL B 314 12.08 -29.88 -49.10
C VAL B 314 11.39 -30.81 -50.09
#